data_1PMU
#
_entry.id   1PMU
#
_cell.length_a   62.401
_cell.length_b   62.377
_cell.length_c   98.119
_cell.angle_alpha   90.00
_cell.angle_beta   90.00
_cell.angle_gamma   90.00
#
_symmetry.space_group_name_H-M   'P 21 21 21'
#
loop_
_entity.id
_entity.type
_entity.pdbx_description
1 polymer 'Mitogen-activated protein kinase 10'
2 non-polymer 'CHLORIDE ION'
3 non-polymer 9-(4-HYDROXYPHENYL)-2,7-PHENANTHROLINE
4 water water
#
_entity_poly.entity_id   1
_entity_poly.type   'polypeptide(L)'
_entity_poly.pdbx_seq_one_letter_code
;MASKSKVDNQFYSVEVGDSTFTVLKRYQNLKPIGSGAQGIVCAAYDAVLDRNVAIKKLSRPFQNQTHAKRAYRELVLMKC
VNHKNIISLLNVFTPQKTLEEFQDVYLVMELMDANLCQVIQMELDHERMSYLLYQMLCGIKHLHSAGIIHRDLKPSNIVV
KSDCTLKILDFGLARTAGTSFMMTPYVVTRYYRAPEVILGMGYKENVDIWSVGCIMGEMVRHKILFPGRDYIDQWNKVIE
QLGTPCPEFMKKLQPTVRNYVENRPKYAGLTFPKLFPDSLFPADSEHNKLKASQARDLLSKMLVIDPAKRISVDDALQHP
YINVWYDPAEVEAPPPQIYDKQLDEREHTIEEWKELIYKEVMNS
;
_entity_poly.pdbx_strand_id   A
#
loop_
_chem_comp.id
_chem_comp.type
_chem_comp.name
_chem_comp.formula
9HP non-polymer 9-(4-HYDROXYPHENYL)-2,7-PHENANTHROLINE 'C18 H12 N2 O'
CL non-polymer 'CHLORIDE ION' 'Cl -1'
#
# COMPACT_ATOMS: atom_id res chain seq x y z
N ASP A 8 24.69 -20.65 24.68
CA ASP A 8 24.49 -19.21 25.03
C ASP A 8 24.11 -18.41 23.77
N ASN A 9 23.78 -19.14 22.70
CA ASN A 9 23.42 -18.52 21.44
C ASN A 9 22.44 -17.35 21.62
N GLN A 10 22.67 -16.28 20.88
CA GLN A 10 21.87 -15.05 20.95
C GLN A 10 20.49 -15.14 20.31
N PHE A 11 20.28 -16.21 19.56
CA PHE A 11 19.02 -16.45 18.88
C PHE A 11 18.24 -17.50 19.64
N TYR A 12 17.02 -17.76 19.19
CA TYR A 12 16.19 -18.77 19.81
C TYR A 12 14.98 -18.96 18.90
N SER A 13 14.50 -20.17 18.78
CA SER A 13 13.38 -20.38 17.91
C SER A 13 12.06 -20.45 18.64
N VAL A 14 11.04 -19.86 18.02
CA VAL A 14 9.73 -19.84 18.59
C VAL A 14 8.72 -20.18 17.51
N GLU A 15 7.96 -21.24 17.77
CA GLU A 15 6.95 -21.72 16.86
C GLU A 15 5.78 -20.72 16.88
N VAL A 16 5.59 -20.03 15.77
CA VAL A 16 4.48 -19.08 15.64
C VAL A 16 3.61 -19.60 14.50
N GLY A 17 2.40 -20.01 14.84
CA GLY A 17 1.54 -20.55 13.81
C GLY A 17 2.21 -21.78 13.25
N ASP A 18 2.29 -21.86 11.93
CA ASP A 18 2.94 -23.02 11.34
C ASP A 18 4.37 -22.68 10.97
N SER A 19 4.79 -21.49 11.38
CA SER A 19 6.14 -21.02 11.13
C SER A 19 7.00 -21.07 12.39
N THR A 20 8.31 -21.20 12.19
CA THR A 20 9.25 -21.21 13.28
C THR A 20 10.09 -19.97 13.12
N PHE A 21 9.95 -19.03 14.04
CA PHE A 21 10.75 -17.81 13.96
C PHE A 21 11.91 -18.03 14.89
N THR A 22 13.10 -17.86 14.35
CA THR A 22 14.29 -17.99 15.14
C THR A 22 14.83 -16.58 15.16
N VAL A 23 14.56 -15.89 16.25
CA VAL A 23 14.98 -14.52 16.35
C VAL A 23 15.89 -14.26 17.56
N LEU A 24 16.49 -13.07 17.58
CA LEU A 24 17.34 -12.66 18.67
C LEU A 24 16.49 -12.71 19.93
N LYS A 25 17.13 -12.94 21.07
CA LYS A 25 16.43 -13.03 22.35
C LYS A 25 15.68 -11.75 22.65
N ARG A 26 16.19 -10.63 22.14
CA ARG A 26 15.54 -9.35 22.40
C ARG A 26 14.10 -9.40 21.97
N TYR A 27 13.83 -10.13 20.89
CA TYR A 27 12.47 -10.23 20.40
C TYR A 27 11.80 -11.39 21.09
N GLN A 28 10.74 -11.08 21.83
CA GLN A 28 10.04 -12.10 22.57
C GLN A 28 8.53 -11.93 22.54
N ASN A 29 7.83 -12.99 22.94
CA ASN A 29 6.39 -13.03 22.94
C ASN A 29 5.82 -13.00 21.53
N LEU A 30 6.57 -13.61 20.61
CA LEU A 30 6.17 -13.66 19.20
C LEU A 30 4.78 -14.23 19.14
N LYS A 31 3.96 -13.55 18.36
CA LYS A 31 2.57 -13.94 18.17
C LYS A 31 2.16 -13.60 16.74
N PRO A 32 1.26 -14.41 16.16
CA PRO A 32 0.74 -14.25 14.80
C PRO A 32 0.03 -12.91 14.70
N ILE A 33 0.42 -12.08 13.75
CA ILE A 33 -0.23 -10.80 13.59
C ILE A 33 -1.65 -11.06 13.11
N GLY A 34 -1.82 -12.14 12.37
CA GLY A 34 -3.14 -12.49 11.89
C GLY A 34 -3.32 -12.29 10.41
N SER A 35 -4.49 -11.81 10.03
CA SER A 35 -4.80 -11.58 8.63
C SER A 35 -4.04 -10.37 8.14
N GLY A 36 -3.61 -9.51 9.07
CA GLY A 36 -2.87 -8.33 8.71
C GLY A 36 -1.41 -8.66 8.38
N ALA A 37 -1.03 -9.91 8.54
CA ALA A 37 0.34 -10.31 8.26
C ALA A 37 0.62 -10.28 6.76
N GLN A 38 1.47 -9.37 6.32
CA GLN A 38 1.81 -9.30 4.90
C GLN A 38 3.03 -10.18 4.69
N GLY A 39 2.76 -11.49 4.75
CA GLY A 39 3.82 -12.46 4.59
C GLY A 39 3.84 -13.25 5.87
N ILE A 40 4.98 -13.85 6.14
CA ILE A 40 5.13 -14.62 7.35
C ILE A 40 5.66 -13.59 8.31
N VAL A 41 4.72 -12.88 8.91
CA VAL A 41 4.99 -11.82 9.84
C VAL A 41 4.26 -12.13 11.12
N CYS A 42 4.83 -11.69 12.22
CA CYS A 42 4.23 -11.90 13.53
C CYS A 42 4.56 -10.70 14.40
N ALA A 43 3.81 -10.54 15.48
CA ALA A 43 4.02 -9.44 16.42
C ALA A 43 5.05 -9.90 17.41
N ALA A 44 5.85 -8.98 17.93
CA ALA A 44 6.87 -9.34 18.90
C ALA A 44 7.22 -8.17 19.78
N TYR A 45 7.70 -8.48 20.97
CA TYR A 45 8.08 -7.45 21.91
C TYR A 45 9.58 -7.29 21.83
N ASP A 46 10.07 -6.09 21.49
CA ASP A 46 11.51 -5.89 21.42
C ASP A 46 12.05 -5.44 22.75
N ALA A 47 12.36 -6.41 23.61
CA ALA A 47 12.89 -6.17 24.95
C ALA A 47 13.90 -5.03 25.01
N VAL A 48 14.73 -4.95 23.99
CA VAL A 48 15.76 -3.92 23.91
C VAL A 48 15.17 -2.52 23.77
N LEU A 49 14.32 -2.35 22.77
CA LEU A 49 13.68 -1.07 22.52
C LEU A 49 12.41 -0.89 23.31
N ASP A 50 12.02 -1.92 24.04
CA ASP A 50 10.79 -1.86 24.81
C ASP A 50 9.70 -1.34 23.88
N ARG A 51 9.59 -1.99 22.74
CA ARG A 51 8.62 -1.62 21.73
C ARG A 51 8.18 -2.85 20.97
N ASN A 52 6.88 -2.96 20.74
CA ASN A 52 6.38 -4.08 19.98
C ASN A 52 6.89 -3.87 18.56
N VAL A 53 7.15 -4.98 17.89
CA VAL A 53 7.68 -4.95 16.54
C VAL A 53 7.03 -6.03 15.69
N ALA A 54 7.13 -5.89 14.38
CA ALA A 54 6.56 -6.87 13.49
C ALA A 54 7.79 -7.49 12.89
N ILE A 55 7.87 -8.81 12.96
CA ILE A 55 9.02 -9.52 12.44
C ILE A 55 8.58 -10.32 11.27
N LYS A 56 9.03 -9.91 10.10
CA LYS A 56 8.68 -10.62 8.90
C LYS A 56 9.82 -11.58 8.65
N LYS A 57 9.46 -12.80 8.26
CA LYS A 57 10.45 -13.81 7.97
C LYS A 57 10.39 -14.10 6.49
N LEU A 58 11.54 -14.14 5.88
CA LEU A 58 11.62 -14.44 4.48
C LEU A 58 12.42 -15.72 4.42
N SER A 59 11.76 -16.80 4.06
CA SER A 59 12.44 -18.07 3.97
C SER A 59 13.04 -18.10 2.59
N ARG A 60 14.30 -18.50 2.49
CA ARG A 60 14.96 -18.61 1.21
C ARG A 60 14.41 -17.63 0.16
N PRO A 61 14.54 -16.31 0.41
CA PRO A 61 14.06 -15.28 -0.52
C PRO A 61 14.59 -15.50 -1.92
N PHE A 62 15.89 -15.79 -1.98
CA PHE A 62 16.60 -16.03 -3.23
C PHE A 62 16.09 -17.19 -4.07
N GLN A 63 15.10 -17.93 -3.58
CA GLN A 63 14.60 -19.05 -4.37
C GLN A 63 14.27 -18.66 -5.83
N ASN A 64 13.13 -18.06 -6.10
CA ASN A 64 12.86 -17.66 -7.47
C ASN A 64 13.46 -16.28 -7.72
N GLN A 65 13.25 -15.77 -8.92
CA GLN A 65 13.79 -14.48 -9.35
C GLN A 65 12.97 -13.33 -8.81
N THR A 66 11.74 -13.24 -9.29
CA THR A 66 10.83 -12.19 -8.91
C THR A 66 10.95 -11.92 -7.41
N HIS A 67 10.73 -12.95 -6.61
CA HIS A 67 10.77 -12.85 -5.16
C HIS A 67 12.09 -12.22 -4.66
N ALA A 68 13.19 -12.87 -4.98
CA ALA A 68 14.48 -12.37 -4.57
C ALA A 68 14.58 -10.87 -4.90
N LYS A 69 14.27 -10.53 -6.13
CA LYS A 69 14.34 -9.15 -6.58
C LYS A 69 13.49 -8.26 -5.69
N ARG A 70 12.24 -8.67 -5.51
CA ARG A 70 11.32 -7.87 -4.69
C ARG A 70 11.79 -7.75 -3.25
N ALA A 71 12.17 -8.88 -2.66
CA ALA A 71 12.62 -8.93 -1.28
C ALA A 71 13.84 -8.07 -1.11
N TYR A 72 14.69 -8.05 -2.13
CA TYR A 72 15.89 -7.23 -2.07
C TYR A 72 15.48 -5.77 -2.15
N ARG A 73 14.82 -5.42 -3.24
CA ARG A 73 14.35 -4.07 -3.44
C ARG A 73 13.66 -3.58 -2.18
N GLU A 74 12.81 -4.41 -1.60
CA GLU A 74 12.09 -4.03 -0.38
C GLU A 74 13.04 -3.71 0.73
N LEU A 75 13.90 -4.68 1.03
CA LEU A 75 14.86 -4.55 2.10
C LEU A 75 15.73 -3.34 1.88
N VAL A 76 16.27 -3.21 0.67
CA VAL A 76 17.13 -2.08 0.35
C VAL A 76 16.39 -0.76 0.56
N LEU A 77 15.20 -0.65 0.00
CA LEU A 77 14.44 0.56 0.12
C LEU A 77 14.08 0.84 1.55
N MET A 78 13.51 -0.15 2.20
CA MET A 78 13.11 0.06 3.57
C MET A 78 14.24 0.61 4.42
N LYS A 79 15.47 0.21 4.11
CA LYS A 79 16.62 0.67 4.87
C LYS A 79 16.81 2.13 4.55
N CYS A 80 16.85 2.38 3.24
CA CYS A 80 17.07 3.69 2.67
C CYS A 80 16.03 4.76 3.02
N VAL A 81 14.75 4.46 2.87
CA VAL A 81 13.73 5.44 3.18
C VAL A 81 13.64 5.62 4.67
N ASN A 82 13.20 6.81 5.07
CA ASN A 82 13.06 7.16 6.46
C ASN A 82 11.98 8.21 6.43
N HIS A 83 10.73 7.77 6.38
CA HIS A 83 9.62 8.68 6.31
C HIS A 83 8.50 8.11 7.19
N LYS A 84 7.85 9.00 7.93
CA LYS A 84 6.80 8.60 8.87
C LYS A 84 5.67 7.75 8.31
N ASN A 85 5.44 7.84 7.01
CA ASN A 85 4.34 7.09 6.44
C ASN A 85 4.79 5.91 5.61
N ILE A 86 6.05 5.54 5.79
CA ILE A 86 6.60 4.37 5.13
C ILE A 86 7.18 3.52 6.26
N ILE A 87 6.72 2.29 6.35
CA ILE A 87 7.22 1.40 7.38
C ILE A 87 8.74 1.49 7.41
N SER A 88 9.29 1.64 8.60
CA SER A 88 10.73 1.77 8.75
C SER A 88 11.27 0.44 9.18
N LEU A 89 12.53 0.20 8.86
CA LEU A 89 13.22 -1.04 9.18
C LEU A 89 13.93 -0.98 10.52
N LEU A 90 13.28 -1.45 11.57
CA LEU A 90 13.90 -1.42 12.88
C LEU A 90 15.15 -2.26 12.94
N ASN A 91 15.21 -3.31 12.16
CA ASN A 91 16.37 -4.17 12.23
C ASN A 91 16.14 -5.39 11.34
N VAL A 92 17.22 -5.85 10.72
CA VAL A 92 17.16 -6.99 9.84
C VAL A 92 18.25 -7.95 10.25
N PHE A 93 17.97 -9.25 10.22
CA PHE A 93 18.95 -10.23 10.62
C PHE A 93 18.59 -11.60 10.11
N THR A 94 19.52 -12.53 10.32
CA THR A 94 19.31 -13.90 9.94
C THR A 94 19.98 -14.75 11.00
N PRO A 95 19.37 -15.90 11.34
CA PRO A 95 19.99 -16.74 12.36
C PRO A 95 21.32 -17.29 11.83
N GLN A 96 21.32 -17.66 10.56
CA GLN A 96 22.49 -18.21 9.89
C GLN A 96 23.70 -17.26 9.95
N LYS A 97 24.88 -17.84 10.13
CA LYS A 97 26.11 -17.06 10.24
C LYS A 97 26.96 -17.03 8.98
N THR A 98 26.50 -17.69 7.93
CA THR A 98 27.24 -17.72 6.69
C THR A 98 26.34 -17.77 5.46
N LEU A 99 26.83 -17.20 4.38
CA LEU A 99 26.11 -17.18 3.12
C LEU A 99 25.67 -18.60 2.76
N GLU A 100 26.52 -19.57 3.06
CA GLU A 100 26.19 -20.95 2.76
C GLU A 100 24.92 -21.30 3.52
N GLU A 101 25.04 -21.33 4.84
CA GLU A 101 23.93 -21.67 5.73
C GLU A 101 22.73 -20.76 5.56
N PHE A 102 22.98 -19.55 5.10
CA PHE A 102 21.93 -18.58 4.90
C PHE A 102 20.66 -19.16 4.30
N GLN A 103 19.53 -18.90 4.97
CA GLN A 103 18.19 -19.37 4.55
C GLN A 103 17.12 -18.26 4.73
N ASP A 104 16.83 -17.94 5.99
CA ASP A 104 15.83 -16.97 6.33
C ASP A 104 16.31 -15.57 6.67
N VAL A 105 15.46 -14.58 6.37
CA VAL A 105 15.76 -13.18 6.65
C VAL A 105 14.62 -12.65 7.49
N TYR A 106 14.96 -11.98 8.58
CA TYR A 106 13.92 -11.44 9.45
C TYR A 106 13.94 -9.93 9.50
N LEU A 107 12.90 -9.31 8.97
CA LEU A 107 12.80 -7.87 9.01
C LEU A 107 12.02 -7.49 10.25
N VAL A 108 12.62 -6.63 11.06
CA VAL A 108 11.98 -6.17 12.26
C VAL A 108 11.59 -4.75 11.96
N MET A 109 10.36 -4.41 12.27
CA MET A 109 9.90 -3.07 12.02
C MET A 109 8.82 -2.76 13.03
N GLU A 110 8.65 -1.49 13.33
CA GLU A 110 7.65 -1.06 14.28
C GLU A 110 6.34 -1.77 13.99
N LEU A 111 5.60 -2.05 15.04
CA LEU A 111 4.33 -2.73 14.91
C LEU A 111 3.26 -1.67 15.14
N MET A 112 2.29 -1.62 14.25
CA MET A 112 1.20 -0.67 14.35
C MET A 112 0.10 -1.36 15.09
N ASP A 113 -1.08 -0.77 15.08
CA ASP A 113 -2.16 -1.40 15.82
C ASP A 113 -3.21 -1.98 14.94
N ALA A 114 -3.18 -1.61 13.66
CA ALA A 114 -4.16 -2.10 12.71
C ALA A 114 -3.69 -1.73 11.34
N ASN A 115 -4.32 -2.32 10.33
CA ASN A 115 -4.00 -1.95 8.96
C ASN A 115 -5.26 -1.24 8.49
N LEU A 116 -5.24 -0.64 7.30
CA LEU A 116 -6.42 0.07 6.85
C LEU A 116 -7.71 -0.74 6.78
N CYS A 117 -7.60 -2.01 6.47
CA CYS A 117 -8.77 -2.88 6.40
C CYS A 117 -9.60 -2.66 7.64
N GLN A 118 -8.93 -2.80 8.77
CA GLN A 118 -9.57 -2.61 10.06
C GLN A 118 -10.14 -1.19 10.12
N VAL A 119 -9.28 -0.19 9.99
CA VAL A 119 -9.68 1.21 10.04
C VAL A 119 -10.87 1.50 9.18
N ILE A 120 -10.85 0.95 7.97
CA ILE A 120 -11.90 1.14 6.98
C ILE A 120 -13.26 0.73 7.54
N GLN A 121 -13.24 -0.26 8.40
CA GLN A 121 -14.47 -0.75 8.99
C GLN A 121 -14.92 0.11 10.16
N MET A 122 -14.09 1.07 10.56
CA MET A 122 -14.46 1.94 11.66
C MET A 122 -15.49 2.95 11.15
N GLU A 123 -16.31 3.46 12.06
CA GLU A 123 -17.30 4.44 11.67
C GLU A 123 -16.53 5.60 11.09
N LEU A 124 -16.92 6.02 9.91
CA LEU A 124 -16.28 7.12 9.22
C LEU A 124 -16.13 8.39 10.05
N ASP A 125 -14.89 8.81 10.28
CA ASP A 125 -14.61 10.01 11.01
C ASP A 125 -13.77 10.88 10.07
N HIS A 126 -14.20 12.11 9.84
CA HIS A 126 -13.45 12.96 8.93
C HIS A 126 -12.05 13.31 9.34
N GLU A 127 -11.82 13.63 10.60
CA GLU A 127 -10.45 13.99 10.99
C GLU A 127 -9.57 12.80 10.71
N ARG A 128 -9.95 11.64 11.27
CA ARG A 128 -9.21 10.41 11.08
C ARG A 128 -9.05 10.08 9.59
N MET A 129 -10.14 10.00 8.84
CA MET A 129 -10.01 9.67 7.44
C MET A 129 -9.14 10.67 6.72
N SER A 130 -9.36 11.93 7.04
CA SER A 130 -8.59 13.01 6.45
C SER A 130 -7.10 12.79 6.74
N TYR A 131 -6.76 12.66 8.02
CA TYR A 131 -5.37 12.48 8.43
C TYR A 131 -4.71 11.34 7.71
N LEU A 132 -5.35 10.18 7.74
CA LEU A 132 -4.85 8.98 7.10
C LEU A 132 -4.54 9.27 5.66
N LEU A 133 -5.55 9.73 4.93
CA LEU A 133 -5.38 10.05 3.51
C LEU A 133 -4.22 10.98 3.33
N TYR A 134 -4.16 12.01 4.16
CA TYR A 134 -3.06 12.94 4.04
C TYR A 134 -1.78 12.13 4.17
N GLN A 135 -1.74 11.27 5.18
CA GLN A 135 -0.56 10.48 5.38
C GLN A 135 -0.21 9.53 4.25
N MET A 136 -1.23 9.03 3.54
CA MET A 136 -0.91 8.14 2.45
C MET A 136 -0.30 8.95 1.33
N LEU A 137 -0.91 10.10 1.06
CA LEU A 137 -0.42 10.96 0.02
C LEU A 137 1.02 11.29 0.28
N CYS A 138 1.30 11.57 1.54
CA CYS A 138 2.65 11.90 1.95
C CYS A 138 3.58 10.79 1.57
N GLY A 139 3.36 9.64 2.18
CA GLY A 139 4.20 8.50 1.90
C GLY A 139 4.29 8.34 0.40
N ILE A 140 3.14 8.24 -0.23
CA ILE A 140 3.09 8.08 -1.66
C ILE A 140 3.90 9.16 -2.35
N LYS A 141 3.89 10.36 -1.79
CA LYS A 141 4.62 11.43 -2.41
C LYS A 141 6.10 11.16 -2.25
N HIS A 142 6.49 10.71 -1.08
CA HIS A 142 7.90 10.44 -0.83
C HIS A 142 8.37 9.35 -1.80
N LEU A 143 7.57 8.31 -1.91
CA LEU A 143 7.90 7.22 -2.80
C LEU A 143 8.07 7.79 -4.19
N HIS A 144 7.07 8.54 -4.63
CA HIS A 144 7.12 9.12 -5.96
C HIS A 144 8.32 9.96 -6.17
N SER A 145 8.63 10.80 -5.19
CA SER A 145 9.78 11.67 -5.24
C SER A 145 11.08 10.86 -5.29
N ALA A 146 10.97 9.54 -5.24
CA ALA A 146 12.14 8.71 -5.30
C ALA A 146 12.08 7.87 -6.57
N GLY A 147 11.05 8.13 -7.37
CA GLY A 147 10.89 7.36 -8.58
C GLY A 147 10.10 6.11 -8.26
N ILE A 148 9.60 6.04 -7.03
CA ILE A 148 8.81 4.88 -6.65
C ILE A 148 7.34 5.19 -6.78
N ILE A 149 6.69 4.35 -7.57
CA ILE A 149 5.29 4.49 -7.80
C ILE A 149 4.74 3.14 -7.41
N HIS A 150 4.06 3.14 -6.27
CA HIS A 150 3.53 1.93 -5.70
C HIS A 150 2.69 1.05 -6.62
N ARG A 151 1.67 1.62 -7.24
CA ARG A 151 0.77 0.87 -8.13
C ARG A 151 0.07 -0.27 -7.42
N ASP A 152 0.44 -0.56 -6.18
CA ASP A 152 -0.22 -1.65 -5.50
C ASP A 152 -0.48 -1.34 -4.04
N LEU A 153 -1.03 -0.15 -3.83
CA LEU A 153 -1.42 0.31 -2.51
C LEU A 153 -2.75 -0.35 -2.21
N LYS A 154 -2.84 -0.97 -1.05
CA LYS A 154 -4.05 -1.65 -0.65
C LYS A 154 -4.13 -1.61 0.87
N PRO A 155 -5.33 -1.71 1.44
CA PRO A 155 -5.54 -1.67 2.89
C PRO A 155 -4.72 -2.66 3.67
N SER A 156 -4.43 -3.81 3.06
CA SER A 156 -3.67 -4.84 3.74
C SER A 156 -2.17 -4.51 3.80
N ASN A 157 -1.72 -3.58 2.97
CA ASN A 157 -0.31 -3.21 3.01
C ASN A 157 -0.08 -1.83 3.59
N ILE A 158 -1.08 -1.31 4.30
CA ILE A 158 -0.96 0.00 4.96
C ILE A 158 -1.51 -0.21 6.37
N VAL A 159 -0.72 0.19 7.36
CA VAL A 159 -1.11 0.02 8.74
C VAL A 159 -1.11 1.35 9.45
N VAL A 160 -1.75 1.38 10.60
CA VAL A 160 -1.81 2.61 11.34
C VAL A 160 -1.75 2.38 12.83
N LYS A 161 -1.24 3.36 13.56
CA LYS A 161 -1.18 3.22 15.00
C LYS A 161 -2.49 3.76 15.55
N SER A 162 -2.62 3.73 16.87
CA SER A 162 -3.82 4.23 17.54
C SER A 162 -3.93 5.73 17.34
N ASP A 163 -2.78 6.39 17.31
CA ASP A 163 -2.76 7.82 17.14
C ASP A 163 -2.94 8.18 15.70
N CYS A 164 -3.37 7.22 14.91
CA CYS A 164 -3.60 7.42 13.48
C CYS A 164 -2.33 7.61 12.67
N THR A 165 -1.22 7.06 13.12
CA THR A 165 -0.05 7.20 12.32
C THR A 165 -0.23 6.11 11.30
N LEU A 166 -0.06 6.51 10.05
CA LEU A 166 -0.22 5.63 8.94
C LEU A 166 1.11 5.34 8.34
N LYS A 167 1.32 4.07 8.01
CA LYS A 167 2.56 3.68 7.39
C LYS A 167 2.29 2.67 6.31
N ILE A 168 2.95 2.85 5.19
CA ILE A 168 2.79 1.91 4.09
C ILE A 168 3.80 0.81 4.33
N LEU A 169 3.35 -0.43 4.26
CA LEU A 169 4.23 -1.56 4.50
C LEU A 169 5.27 -1.85 3.41
N ASP A 170 4.84 -1.88 2.16
CA ASP A 170 5.73 -2.23 1.04
C ASP A 170 5.88 -1.12 0.02
N PHE A 171 6.91 -1.27 -0.80
CA PHE A 171 7.22 -0.32 -1.83
C PHE A 171 6.64 -0.78 -3.15
N GLY A 172 5.44 -1.35 -3.07
CA GLY A 172 4.73 -1.80 -4.27
C GLY A 172 5.51 -2.43 -5.40
N LEU A 173 4.88 -2.45 -6.55
CA LEU A 173 5.47 -3.01 -7.77
C LEU A 173 6.70 -2.22 -8.13
N ALA A 174 7.54 -2.80 -8.99
CA ALA A 174 8.73 -2.08 -9.44
C ALA A 174 8.43 -1.82 -10.90
N ARG A 175 8.98 -0.74 -11.43
CA ARG A 175 8.77 -0.37 -12.82
C ARG A 175 8.58 -1.66 -13.62
N THR A 176 7.33 -2.01 -13.89
CA THR A 176 7.00 -3.24 -14.63
C THR A 176 5.50 -3.55 -14.58
N PRO A 185 -4.09 -13.86 -11.71
CA PRO A 185 -3.56 -13.06 -10.58
C PRO A 185 -3.99 -13.64 -9.23
N TYR A 186 -3.25 -14.65 -8.76
CA TYR A 186 -3.52 -15.29 -7.48
C TYR A 186 -3.02 -14.41 -6.33
N VAL A 187 -3.75 -14.43 -5.22
CA VAL A 187 -3.42 -13.65 -4.01
C VAL A 187 -2.94 -12.24 -4.38
N VAL A 188 -3.65 -11.60 -5.29
CA VAL A 188 -3.30 -10.25 -5.71
C VAL A 188 -4.50 -9.33 -5.57
N THR A 189 -4.62 -8.70 -4.41
CA THR A 189 -5.71 -7.78 -4.17
C THR A 189 -5.66 -6.75 -5.28
N ARG A 190 -6.46 -6.97 -6.32
CA ARG A 190 -6.47 -6.04 -7.43
C ARG A 190 -7.59 -5.01 -7.27
N TYR A 191 -8.36 -5.14 -6.19
CA TYR A 191 -9.45 -4.23 -5.97
C TYR A 191 -9.06 -2.76 -5.95
N TYR A 192 -7.78 -2.47 -5.74
CA TYR A 192 -7.33 -1.07 -5.65
C TYR A 192 -6.35 -0.66 -6.73
N ARG A 193 -6.14 -1.53 -7.69
CA ARG A 193 -5.23 -1.19 -8.76
C ARG A 193 -5.91 -0.27 -9.71
N ALA A 194 -5.19 0.80 -10.03
CA ALA A 194 -5.67 1.79 -10.94
C ALA A 194 -5.99 1.11 -12.25
N PRO A 195 -6.88 1.71 -13.05
CA PRO A 195 -7.31 1.21 -14.36
C PRO A 195 -6.16 1.07 -15.34
N GLU A 196 -5.30 2.08 -15.38
CA GLU A 196 -4.17 2.06 -16.30
C GLU A 196 -3.28 0.87 -16.00
N VAL A 197 -3.30 0.42 -14.75
CA VAL A 197 -2.50 -0.72 -14.38
C VAL A 197 -3.24 -1.95 -14.87
N ILE A 198 -4.38 -2.22 -14.26
CA ILE A 198 -5.21 -3.32 -14.67
C ILE A 198 -5.18 -3.48 -16.19
N LEU A 199 -5.53 -2.41 -16.90
CA LEU A 199 -5.55 -2.43 -18.37
C LEU A 199 -4.17 -2.35 -19.03
N GLY A 200 -3.12 -2.60 -18.24
CA GLY A 200 -1.75 -2.61 -18.74
C GLY A 200 -1.28 -1.43 -19.56
N MET A 201 -1.69 -0.23 -19.19
CA MET A 201 -1.27 0.94 -19.93
C MET A 201 -0.06 1.46 -19.17
N GLY A 202 0.57 2.50 -19.68
CA GLY A 202 1.70 3.05 -18.96
C GLY A 202 1.12 3.63 -17.70
N TYR A 203 1.91 4.37 -16.94
CA TYR A 203 1.39 5.00 -15.74
C TYR A 203 2.34 6.06 -15.26
N LYS A 204 1.85 6.91 -14.37
CA LYS A 204 2.67 7.94 -13.77
C LYS A 204 2.34 7.95 -12.29
N GLU A 205 2.86 8.91 -11.57
CA GLU A 205 2.61 8.96 -10.15
C GLU A 205 1.17 8.92 -9.72
N ASN A 206 0.30 9.61 -10.48
CA ASN A 206 -1.10 9.66 -10.10
C ASN A 206 -1.79 8.34 -10.21
N VAL A 207 -1.05 7.29 -10.60
CA VAL A 207 -1.65 5.97 -10.68
C VAL A 207 -1.96 5.52 -9.25
N ASP A 208 -1.20 6.02 -8.27
CA ASP A 208 -1.45 5.63 -6.89
C ASP A 208 -2.62 6.39 -6.32
N ILE A 209 -2.98 7.53 -6.92
CA ILE A 209 -4.11 8.32 -6.45
C ILE A 209 -5.36 7.49 -6.62
N TRP A 210 -5.36 6.64 -7.63
CA TRP A 210 -6.50 5.81 -7.83
C TRP A 210 -6.62 4.94 -6.61
N SER A 211 -5.53 4.24 -6.29
CA SER A 211 -5.54 3.35 -5.14
C SER A 211 -6.07 4.07 -3.91
N VAL A 212 -5.60 5.28 -3.68
CA VAL A 212 -6.07 6.03 -2.51
C VAL A 212 -7.56 6.37 -2.64
N GLY A 213 -8.01 6.60 -3.86
CA GLY A 213 -9.41 6.90 -4.04
C GLY A 213 -10.22 5.68 -3.60
N CYS A 214 -9.85 4.52 -4.15
CA CYS A 214 -10.54 3.28 -3.82
C CYS A 214 -10.60 3.10 -2.32
N ILE A 215 -9.49 3.41 -1.66
CA ILE A 215 -9.45 3.25 -0.22
C ILE A 215 -10.35 4.26 0.46
N MET A 216 -10.23 5.52 0.09
CA MET A 216 -11.06 6.53 0.72
C MET A 216 -12.52 6.19 0.52
N GLY A 217 -12.87 5.84 -0.71
CA GLY A 217 -14.26 5.53 -1.00
C GLY A 217 -14.75 4.38 -0.16
N GLU A 218 -13.89 3.37 -0.02
CA GLU A 218 -14.20 2.19 0.75
C GLU A 218 -14.39 2.56 2.20
N MET A 219 -13.60 3.51 2.68
CA MET A 219 -13.72 3.93 4.05
C MET A 219 -15.11 4.50 4.30
N VAL A 220 -15.65 5.15 3.26
CA VAL A 220 -16.97 5.73 3.33
C VAL A 220 -18.05 4.69 3.07
N ARG A 221 -17.94 4.01 1.94
CA ARG A 221 -18.92 3.01 1.55
C ARG A 221 -18.80 1.77 2.42
N HIS A 222 -17.61 1.58 3.00
CA HIS A 222 -17.34 0.44 3.85
C HIS A 222 -17.38 -0.85 3.09
N LYS A 223 -17.44 -0.73 1.78
CA LYS A 223 -17.47 -1.88 0.91
C LYS A 223 -16.48 -1.60 -0.19
N ILE A 224 -15.72 -2.61 -0.56
CA ILE A 224 -14.78 -2.47 -1.66
C ILE A 224 -15.53 -1.87 -2.84
N LEU A 225 -15.05 -0.75 -3.34
CA LEU A 225 -15.70 -0.10 -4.45
C LEU A 225 -15.75 -0.96 -5.70
N PHE A 226 -14.65 -1.65 -5.99
CA PHE A 226 -14.58 -2.44 -7.20
C PHE A 226 -14.21 -3.90 -7.00
N PRO A 227 -15.12 -4.67 -6.41
CA PRO A 227 -14.94 -6.09 -6.14
C PRO A 227 -15.07 -6.86 -7.44
N GLY A 228 -14.31 -7.92 -7.59
CA GLY A 228 -14.38 -8.71 -8.79
C GLY A 228 -13.75 -10.04 -8.54
N ARG A 229 -14.20 -11.06 -9.26
CA ARG A 229 -13.60 -12.36 -9.08
C ARG A 229 -12.27 -12.31 -9.81
N ASP A 230 -12.13 -11.29 -10.64
CA ASP A 230 -10.91 -11.06 -11.42
C ASP A 230 -10.92 -9.60 -11.82
N TYR A 231 -10.31 -9.31 -12.96
CA TYR A 231 -10.25 -7.94 -13.47
C TYR A 231 -11.51 -7.65 -14.27
N ILE A 232 -12.02 -8.66 -14.95
CA ILE A 232 -13.22 -8.46 -15.75
C ILE A 232 -14.29 -7.78 -14.91
N ASP A 233 -14.78 -8.47 -13.89
CA ASP A 233 -15.82 -7.90 -13.02
C ASP A 233 -15.42 -6.53 -12.54
N GLN A 234 -14.18 -6.43 -12.09
CA GLN A 234 -13.65 -5.18 -11.58
C GLN A 234 -13.95 -4.05 -12.53
N TRP A 235 -13.44 -4.19 -13.75
CA TRP A 235 -13.65 -3.16 -14.72
C TRP A 235 -15.13 -2.81 -14.88
N ASN A 236 -15.99 -3.82 -14.90
CA ASN A 236 -17.38 -3.51 -15.07
C ASN A 236 -17.83 -2.69 -13.85
N LYS A 237 -17.50 -3.15 -12.65
CA LYS A 237 -17.89 -2.42 -11.46
C LYS A 237 -17.41 -0.97 -11.53
N VAL A 238 -16.21 -0.80 -12.06
CA VAL A 238 -15.61 0.51 -12.23
C VAL A 238 -16.49 1.33 -13.15
N ILE A 239 -16.52 0.93 -14.41
CA ILE A 239 -17.29 1.65 -15.42
C ILE A 239 -18.72 1.84 -14.98
N GLU A 240 -19.32 0.81 -14.41
CA GLU A 240 -20.69 0.92 -13.97
C GLU A 240 -20.87 2.12 -13.06
N GLN A 241 -19.94 2.31 -12.13
CA GLN A 241 -20.07 3.45 -11.24
C GLN A 241 -19.44 4.72 -11.74
N LEU A 242 -18.27 4.66 -12.36
CA LEU A 242 -17.64 5.90 -12.83
C LEU A 242 -17.95 6.20 -14.29
N GLY A 243 -18.77 5.36 -14.92
CA GLY A 243 -19.11 5.57 -16.30
C GLY A 243 -17.95 5.17 -17.18
N THR A 244 -18.24 5.00 -18.47
CA THR A 244 -17.24 4.61 -19.44
C THR A 244 -16.22 5.72 -19.56
N PRO A 245 -14.94 5.37 -19.71
CA PRO A 245 -13.85 6.35 -19.85
C PRO A 245 -13.99 7.06 -21.17
N CYS A 246 -13.25 8.16 -21.36
CA CYS A 246 -13.32 8.91 -22.61
C CYS A 246 -12.47 8.24 -23.68
N PRO A 247 -12.78 8.46 -24.96
CA PRO A 247 -11.99 7.84 -26.04
C PRO A 247 -10.49 8.08 -25.85
N GLU A 248 -10.11 9.23 -25.34
CA GLU A 248 -8.70 9.52 -25.16
C GLU A 248 -8.08 8.37 -24.38
N PHE A 249 -8.81 7.87 -23.40
CA PHE A 249 -8.34 6.78 -22.55
C PHE A 249 -8.30 5.52 -23.41
N MET A 250 -9.45 5.17 -23.98
CA MET A 250 -9.57 4.01 -24.83
C MET A 250 -8.36 3.95 -25.76
N LYS A 251 -8.21 4.98 -26.57
CA LYS A 251 -7.08 5.05 -27.48
C LYS A 251 -5.76 4.64 -26.84
N LYS A 252 -5.53 4.97 -25.58
CA LYS A 252 -4.27 4.58 -24.96
C LYS A 252 -4.25 3.06 -24.70
N LEU A 253 -5.41 2.42 -24.83
CA LEU A 253 -5.51 0.99 -24.59
C LEU A 253 -4.89 0.21 -25.71
N GLN A 254 -4.22 -0.87 -25.36
CA GLN A 254 -3.63 -1.72 -26.36
C GLN A 254 -4.77 -2.08 -27.30
N PRO A 255 -4.46 -2.23 -28.59
CA PRO A 255 -5.47 -2.57 -29.60
C PRO A 255 -6.44 -3.62 -29.10
N THR A 256 -5.85 -4.70 -28.60
CA THR A 256 -6.62 -5.83 -28.11
C THR A 256 -7.53 -5.49 -26.95
N VAL A 257 -6.98 -4.85 -25.94
CA VAL A 257 -7.74 -4.49 -24.77
C VAL A 257 -8.84 -3.54 -25.15
N ARG A 258 -8.43 -2.41 -25.74
CA ARG A 258 -9.37 -1.39 -26.17
C ARG A 258 -10.58 -2.03 -26.81
N ASN A 259 -10.32 -3.07 -27.60
CA ASN A 259 -11.41 -3.74 -28.28
C ASN A 259 -12.39 -4.28 -27.25
N TYR A 260 -11.90 -5.02 -26.26
CA TYR A 260 -12.74 -5.57 -25.20
C TYR A 260 -13.44 -4.52 -24.38
N VAL A 261 -12.67 -3.52 -24.00
CA VAL A 261 -13.22 -2.45 -23.21
C VAL A 261 -14.24 -1.66 -23.99
N GLU A 262 -13.83 -1.10 -25.13
CA GLU A 262 -14.75 -0.29 -25.93
C GLU A 262 -16.03 -1.04 -26.24
N ASN A 263 -15.97 -2.36 -26.37
CA ASN A 263 -17.14 -3.14 -26.67
C ASN A 263 -17.91 -3.57 -25.45
N ARG A 264 -17.66 -2.87 -24.35
CA ARG A 264 -18.32 -3.16 -23.10
C ARG A 264 -19.59 -2.32 -23.09
N PRO A 265 -20.57 -2.71 -22.27
CA PRO A 265 -21.83 -1.96 -22.16
C PRO A 265 -21.51 -0.53 -21.76
N LYS A 266 -22.09 0.45 -22.46
CA LYS A 266 -21.85 1.87 -22.19
C LYS A 266 -22.52 2.35 -20.89
N TYR A 267 -21.69 2.84 -19.96
CA TYR A 267 -22.25 3.33 -18.71
C TYR A 267 -21.95 4.81 -18.58
N ALA A 268 -22.96 5.58 -18.16
CA ALA A 268 -22.78 7.00 -17.94
C ALA A 268 -22.08 7.07 -16.61
N GLY A 269 -22.38 6.08 -15.77
CA GLY A 269 -21.80 5.99 -14.45
C GLY A 269 -22.53 6.86 -13.46
N LEU A 270 -22.62 6.38 -12.23
CA LEU A 270 -23.30 7.10 -11.16
C LEU A 270 -22.51 8.32 -10.73
N THR A 271 -23.20 9.35 -10.29
CA THR A 271 -22.51 10.54 -9.83
C THR A 271 -21.92 10.18 -8.49
N PHE A 272 -20.92 10.95 -8.07
CA PHE A 272 -20.29 10.69 -6.79
C PHE A 272 -21.23 10.89 -5.61
N PRO A 273 -22.15 11.86 -5.72
CA PRO A 273 -23.08 12.09 -4.61
C PRO A 273 -23.90 10.83 -4.39
N LYS A 274 -24.13 10.11 -5.47
CA LYS A 274 -24.90 8.88 -5.43
C LYS A 274 -24.01 7.69 -5.13
N LEU A 275 -22.75 7.77 -5.58
CA LEU A 275 -21.80 6.70 -5.32
C LEU A 275 -21.50 6.70 -3.83
N PHE A 276 -21.44 7.89 -3.25
CA PHE A 276 -21.16 8.06 -1.82
C PHE A 276 -22.17 9.02 -1.20
N PRO A 277 -23.42 8.54 -1.05
CA PRO A 277 -24.56 9.28 -0.50
C PRO A 277 -24.22 10.03 0.79
N ASP A 278 -25.15 10.87 1.23
CA ASP A 278 -24.95 11.64 2.45
C ASP A 278 -25.13 10.77 3.67
N SER A 279 -25.80 9.64 3.48
CA SER A 279 -26.04 8.73 4.58
C SER A 279 -24.77 7.98 4.98
N LEU A 280 -23.69 8.16 4.23
CA LEU A 280 -22.44 7.47 4.55
C LEU A 280 -21.59 8.42 5.35
N PHE A 281 -22.08 9.66 5.45
CA PHE A 281 -21.37 10.71 6.15
C PHE A 281 -22.18 11.29 7.31
N PRO A 282 -21.49 11.98 8.23
CA PRO A 282 -22.08 12.63 9.40
C PRO A 282 -22.99 13.73 8.86
N ALA A 283 -24.10 14.02 9.55
CA ALA A 283 -25.01 15.04 9.04
C ALA A 283 -25.29 16.20 9.97
N ASP A 284 -24.93 16.07 11.25
CA ASP A 284 -25.19 17.16 12.20
C ASP A 284 -24.49 18.47 11.75
N SER A 285 -23.36 18.78 12.37
CA SER A 285 -22.63 20.00 12.05
C SER A 285 -22.54 20.33 10.57
N GLU A 286 -22.36 21.62 10.28
CA GLU A 286 -22.21 22.12 8.93
C GLU A 286 -20.82 21.69 8.55
N HIS A 287 -20.02 21.44 9.57
CA HIS A 287 -18.68 21.00 9.32
C HIS A 287 -18.78 19.65 8.61
N ASN A 288 -19.61 18.74 9.13
CA ASN A 288 -19.77 17.45 8.47
C ASN A 288 -20.38 17.59 7.07
N LYS A 289 -21.29 18.54 6.92
CA LYS A 289 -21.95 18.80 5.66
C LYS A 289 -20.89 19.22 4.65
N LEU A 290 -20.04 20.15 5.05
CA LEU A 290 -18.99 20.64 4.16
C LEU A 290 -17.99 19.50 3.88
N LYS A 291 -17.60 18.80 4.93
CA LYS A 291 -16.63 17.72 4.84
C LYS A 291 -17.17 16.57 3.99
N ALA A 292 -18.48 16.33 4.08
CA ALA A 292 -19.08 15.28 3.28
C ALA A 292 -18.91 15.72 1.82
N SER A 293 -19.22 16.98 1.56
CA SER A 293 -19.08 17.50 0.20
C SER A 293 -17.65 17.43 -0.29
N GLN A 294 -16.71 17.83 0.58
CA GLN A 294 -15.31 17.81 0.20
C GLN A 294 -14.88 16.38 -0.04
N ALA A 295 -15.30 15.50 0.85
CA ALA A 295 -14.97 14.10 0.75
C ALA A 295 -15.37 13.63 -0.65
N ARG A 296 -16.63 13.78 -0.98
CA ARG A 296 -17.06 13.35 -2.29
C ARG A 296 -16.24 14.07 -3.34
N ASP A 297 -16.07 15.38 -3.21
CA ASP A 297 -15.28 16.08 -4.19
C ASP A 297 -13.96 15.37 -4.40
N LEU A 298 -13.18 15.24 -3.34
CA LEU A 298 -11.87 14.58 -3.44
C LEU A 298 -12.01 13.25 -4.12
N LEU A 299 -12.86 12.42 -3.54
CA LEU A 299 -13.12 11.13 -4.09
C LEU A 299 -13.32 11.28 -5.59
N SER A 300 -14.19 12.21 -5.98
CA SER A 300 -14.46 12.41 -7.39
C SER A 300 -13.19 12.69 -8.17
N LYS A 301 -12.23 13.39 -7.57
CA LYS A 301 -10.96 13.72 -8.24
C LYS A 301 -9.95 12.59 -8.23
N MET A 302 -10.14 11.61 -7.35
CA MET A 302 -9.22 10.50 -7.29
C MET A 302 -9.80 9.32 -8.02
N LEU A 303 -11.06 8.99 -7.74
CA LEU A 303 -11.72 7.90 -8.41
C LEU A 303 -12.07 8.37 -9.82
N VAL A 304 -11.02 8.53 -10.63
CA VAL A 304 -11.14 8.98 -12.00
C VAL A 304 -10.40 7.98 -12.87
N ILE A 305 -11.15 7.24 -13.68
CA ILE A 305 -10.50 6.25 -14.51
C ILE A 305 -9.30 6.85 -15.23
N ASP A 306 -9.55 7.78 -16.15
CA ASP A 306 -8.47 8.39 -16.93
C ASP A 306 -7.45 9.09 -16.08
N PRO A 307 -6.26 8.47 -15.91
CA PRO A 307 -5.26 9.14 -15.08
C PRO A 307 -4.89 10.51 -15.59
N ALA A 308 -5.09 10.74 -16.88
CA ALA A 308 -4.77 12.06 -17.44
C ALA A 308 -5.69 13.11 -16.80
N LYS A 309 -6.82 12.64 -16.32
CA LYS A 309 -7.80 13.50 -15.71
C LYS A 309 -7.90 13.26 -14.23
N ARG A 310 -7.05 12.38 -13.71
CA ARG A 310 -7.10 12.08 -12.28
C ARG A 310 -6.23 13.04 -11.51
N ILE A 311 -6.70 13.40 -10.33
CA ILE A 311 -5.97 14.35 -9.53
C ILE A 311 -4.63 13.77 -9.15
N SER A 312 -3.69 14.67 -8.90
CA SER A 312 -2.34 14.31 -8.52
C SER A 312 -2.22 14.30 -7.02
N VAL A 313 -1.07 13.82 -6.55
CA VAL A 313 -0.78 13.78 -5.13
C VAL A 313 -0.73 15.21 -4.56
N ASP A 314 0.03 16.11 -5.18
CA ASP A 314 0.09 17.46 -4.63
C ASP A 314 -1.28 18.10 -4.58
N ASP A 315 -2.03 18.04 -5.67
CA ASP A 315 -3.37 18.63 -5.72
C ASP A 315 -4.23 17.94 -4.67
N ALA A 316 -4.13 16.63 -4.57
CA ALA A 316 -4.92 15.88 -3.59
C ALA A 316 -4.52 16.37 -2.21
N LEU A 317 -3.23 16.55 -2.03
CA LEU A 317 -2.69 17.01 -0.76
C LEU A 317 -3.15 18.42 -0.45
N GLN A 318 -3.34 19.22 -1.50
CA GLN A 318 -3.80 20.59 -1.36
C GLN A 318 -5.33 20.68 -1.38
N HIS A 319 -6.01 19.54 -1.47
CA HIS A 319 -7.47 19.53 -1.51
C HIS A 319 -7.99 19.88 -0.14
N PRO A 320 -9.11 20.62 -0.08
CA PRO A 320 -9.71 21.05 1.20
C PRO A 320 -9.83 19.94 2.23
N TYR A 321 -10.19 18.75 1.76
CA TYR A 321 -10.35 17.63 2.67
C TYR A 321 -9.05 17.28 3.37
N ILE A 322 -7.95 17.23 2.63
CA ILE A 322 -6.64 16.88 3.21
C ILE A 322 -5.88 18.13 3.66
N ASN A 323 -6.21 19.23 3.01
CA ASN A 323 -5.61 20.53 3.25
C ASN A 323 -5.18 20.77 4.70
N VAL A 324 -6.13 20.67 5.62
CA VAL A 324 -5.87 20.95 7.03
C VAL A 324 -4.62 20.37 7.68
N TRP A 325 -4.13 19.25 7.16
CA TRP A 325 -2.97 18.60 7.76
C TRP A 325 -1.70 18.94 7.05
N TYR A 326 -1.83 19.50 5.88
CA TYR A 326 -0.68 19.84 5.07
C TYR A 326 0.41 20.50 5.90
N ASP A 327 1.59 19.91 5.85
CA ASP A 327 2.73 20.45 6.54
C ASP A 327 3.84 20.36 5.52
N PRO A 328 4.28 21.52 5.03
CA PRO A 328 5.32 21.68 4.03
C PRO A 328 6.51 20.80 4.30
N ALA A 329 7.11 20.98 5.47
CA ALA A 329 8.28 20.21 5.86
C ALA A 329 8.11 18.73 5.56
N GLU A 330 6.96 18.18 5.95
CA GLU A 330 6.67 16.77 5.73
C GLU A 330 6.51 16.42 4.27
N VAL A 331 5.66 17.19 3.61
CA VAL A 331 5.35 17.01 2.19
C VAL A 331 6.53 17.27 1.27
N GLU A 332 7.31 18.31 1.58
CA GLU A 332 8.44 18.68 0.77
C GLU A 332 9.72 18.01 1.22
N ALA A 333 9.56 16.92 1.94
CA ALA A 333 10.68 16.15 2.44
C ALA A 333 11.42 15.54 1.26
N PRO A 334 12.73 15.69 1.22
CA PRO A 334 13.65 15.20 0.18
C PRO A 334 13.59 13.70 -0.07
N PRO A 335 13.61 13.31 -1.34
CA PRO A 335 13.55 11.92 -1.78
C PRO A 335 14.53 11.04 -1.03
N PRO A 336 14.23 9.74 -0.98
CA PRO A 336 15.06 8.74 -0.31
C PRO A 336 16.45 8.78 -0.90
N GLN A 337 17.47 8.60 -0.06
CA GLN A 337 18.84 8.62 -0.52
C GLN A 337 19.02 7.60 -1.64
N ASP A 344 19.10 -1.97 -7.72
CA ASP A 344 18.79 -1.27 -8.99
C ASP A 344 17.63 -1.96 -9.71
N GLU A 345 17.88 -2.38 -10.94
CA GLU A 345 16.87 -3.07 -11.74
C GLU A 345 17.50 -4.17 -12.60
N ARG A 346 18.72 -4.57 -12.26
CA ARG A 346 19.40 -5.61 -13.01
C ARG A 346 18.99 -6.99 -12.49
N GLU A 347 18.73 -7.92 -13.40
CA GLU A 347 18.32 -9.27 -13.04
C GLU A 347 19.54 -10.07 -12.52
N HIS A 348 19.28 -11.20 -11.85
CA HIS A 348 20.36 -12.04 -11.31
C HIS A 348 20.00 -13.52 -11.26
N THR A 349 20.82 -14.30 -10.58
CA THR A 349 20.58 -15.73 -10.43
C THR A 349 20.46 -16.07 -8.95
N ILE A 350 19.69 -17.12 -8.67
CA ILE A 350 19.47 -17.57 -7.30
C ILE A 350 20.76 -17.40 -6.50
N GLU A 351 21.77 -18.20 -6.80
CA GLU A 351 23.03 -18.08 -6.07
C GLU A 351 23.51 -16.64 -5.94
N GLU A 352 23.24 -15.80 -6.93
CA GLU A 352 23.67 -14.40 -6.87
C GLU A 352 22.84 -13.56 -5.92
N TRP A 353 21.52 -13.82 -5.91
CA TRP A 353 20.61 -13.08 -5.03
C TRP A 353 20.85 -13.42 -3.56
N LYS A 354 21.24 -14.66 -3.29
CA LYS A 354 21.49 -15.08 -1.92
C LYS A 354 22.54 -14.17 -1.32
N GLU A 355 23.62 -13.93 -2.06
CA GLU A 355 24.68 -13.07 -1.58
C GLU A 355 24.19 -11.65 -1.38
N LEU A 356 23.67 -11.07 -2.45
CA LEU A 356 23.16 -9.72 -2.41
C LEU A 356 22.29 -9.53 -1.19
N ILE A 357 21.34 -10.43 -0.99
CA ILE A 357 20.46 -10.33 0.16
C ILE A 357 21.23 -10.56 1.45
N TYR A 358 22.05 -11.61 1.45
CA TYR A 358 22.84 -11.91 2.64
C TYR A 358 23.66 -10.70 3.05
N LYS A 359 24.40 -10.15 2.10
CA LYS A 359 25.21 -8.98 2.39
C LYS A 359 24.33 -7.89 2.96
N GLU A 360 23.27 -7.55 2.23
CA GLU A 360 22.37 -6.51 2.69
C GLU A 360 21.91 -6.75 4.12
N VAL A 361 21.63 -8.01 4.45
CA VAL A 361 21.18 -8.35 5.79
C VAL A 361 22.35 -8.15 6.75
N MET A 362 23.54 -8.49 6.28
CA MET A 362 24.76 -8.35 7.07
C MET A 362 25.23 -6.91 7.00
N ASN A 363 24.44 -6.08 6.34
CA ASN A 363 24.78 -4.68 6.19
C ASN A 363 26.16 -4.54 5.56
CL CL B . -12.65 9.58 -18.27
C1 9HP C . 2.79 -5.72 9.41
C2 9HP C . 4.12 -5.14 9.15
C3 9HP C . 4.95 -5.68 8.10
C4 9HP C . 4.43 -6.76 7.35
N5 9HP C . 3.20 -7.31 7.59
C6 9HP C . 2.39 -6.81 8.58
C10 9HP C . 1.99 -5.13 10.50
C11 9HP C . 2.61 -4.00 11.21
C12 9HP C . 3.91 -3.49 10.93
C13 9HP C . 4.67 -4.05 9.88
C16 9HP C . 0.68 -5.53 10.90
C17 9HP C . -0.01 -4.91 11.96
C18 9HP C . 0.64 -3.83 12.61
N19 9HP C . 1.88 -3.43 12.25
C22 9HP C . -3.72 -5.99 11.97
C23 9HP C . -2.46 -5.53 11.49
C24 9HP C . -1.37 -5.36 12.39
C25 9HP C . -1.57 -5.67 13.75
C26 9HP C . -2.80 -6.12 14.23
C27 9HP C . -3.88 -6.29 13.35
O32 9HP C . -5.05 -6.75 13.86
#